data_3PYW
#
_entry.id   3PYW
#
_cell.length_a   77.767
_cell.length_b   77.767
_cell.length_c   100.408
_cell.angle_alpha   90.00
_cell.angle_beta   90.00
_cell.angle_gamma   90.00
#
_symmetry.space_group_name_H-M   'P 41 21 2'
#
loop_
_entity.id
_entity.type
_entity.pdbx_description
1 polymer 'S-layer protein sap'
2 non-polymer 'SULFATE ION'
3 water water
#
_entity_poly.entity_id   1
_entity_poly.type   'polypeptide(L)'
_entity_poly.pdbx_seq_one_letter_code
;MGKTFPDVPADHWGIDSINYLVEKGAVKGNDKGMFEPGKELTRAEAATMMAQILNLPIDKDAKPSFADSQGQWYTPFIAA
VEKAGVIKGTGNGFEPNGKIDRVSMASLLVEAYKLDTKVNGTPATKFKDLETLNWGKEKANILVELGISVGTGDQWEPKK
TVTKAEAAQFIAKTDKQFGTELEDPAANKARKEAELAAATAEN
;
_entity_poly.pdbx_strand_id   A
#
loop_
_chem_comp.id
_chem_comp.type
_chem_comp.name
_chem_comp.formula
SO4 non-polymer 'SULFATE ION' 'O4 S -2'
#
# COMPACT_ATOMS: atom_id res chain seq x y z
N LYS A 3 -0.21 -21.65 -2.54
CA LYS A 3 0.69 -21.40 -1.37
C LYS A 3 -0.12 -21.28 -0.06
N THR A 4 0.12 -22.19 0.89
CA THR A 4 -0.52 -22.13 2.19
C THR A 4 0.51 -21.70 3.24
N PHE A 5 0.04 -21.00 4.27
CA PHE A 5 0.90 -20.51 5.34
C PHE A 5 0.32 -20.98 6.67
N PRO A 6 1.15 -21.63 7.50
CA PRO A 6 0.68 -22.11 8.79
C PRO A 6 0.02 -21.02 9.64
N ASP A 7 0.52 -19.79 9.53
CA ASP A 7 0.00 -18.67 10.34
C ASP A 7 -1.13 -17.88 9.66
N VAL A 8 -1.63 -18.38 8.54
CA VAL A 8 -2.86 -17.85 7.94
C VAL A 8 -3.76 -19.03 7.53
N PRO A 9 -4.49 -19.57 8.50
CA PRO A 9 -5.42 -20.67 8.23
C PRO A 9 -6.47 -20.36 7.15
N ALA A 10 -7.04 -21.43 6.60
CA ALA A 10 -7.98 -21.38 5.47
C ALA A 10 -9.25 -20.57 5.76
N ASP A 11 -9.67 -20.48 7.00
CA ASP A 11 -10.87 -19.69 7.32
C ASP A 11 -10.55 -18.37 8.00
N HIS A 12 -9.28 -17.94 7.95
CA HIS A 12 -8.82 -16.71 8.58
C HIS A 12 -9.01 -15.53 7.65
N TRP A 13 -9.33 -14.37 8.21
CA TRP A 13 -9.44 -13.19 7.39
C TRP A 13 -8.10 -12.95 6.67
N GLY A 14 -8.21 -12.42 5.46
CA GLY A 14 -7.05 -12.12 4.64
C GLY A 14 -6.65 -13.22 3.69
N ILE A 15 -7.18 -14.43 3.88
CA ILE A 15 -6.80 -15.59 3.07
C ILE A 15 -7.04 -15.36 1.56
N ASP A 16 -8.20 -14.83 1.19
CA ASP A 16 -8.50 -14.60 -0.23
C ASP A 16 -7.63 -13.49 -0.83
N SER A 17 -7.40 -12.44 -0.05
CA SER A 17 -6.52 -11.34 -0.48
C SER A 17 -5.08 -11.83 -0.65
N ILE A 18 -4.59 -12.56 0.35
CA ILE A 18 -3.25 -13.13 0.32
C ILE A 18 -3.05 -14.08 -0.85
N ASN A 19 -4.00 -14.98 -1.05
CA ASN A 19 -3.94 -15.90 -2.19
C ASN A 19 -3.85 -15.16 -3.53
N TYR A 20 -4.66 -14.11 -3.67
CA TYR A 20 -4.63 -13.28 -4.87
C TYR A 20 -3.24 -12.65 -5.11
N LEU A 21 -2.64 -12.07 -4.06
CA LEU A 21 -1.32 -11.45 -4.21
C LEU A 21 -0.23 -12.49 -4.48
N VAL A 22 -0.34 -13.67 -3.86
CA VAL A 22 0.63 -14.74 -4.11
C VAL A 22 0.57 -15.11 -5.59
N GLU A 23 -0.64 -15.32 -6.10
CA GLU A 23 -0.85 -15.63 -7.52
C GLU A 23 -0.23 -14.58 -8.42
N LYS A 24 -0.27 -13.32 -8.01
CA LYS A 24 0.25 -12.22 -8.81
C LYS A 24 1.74 -11.92 -8.58
N GLY A 25 2.39 -12.67 -7.69
CA GLY A 25 3.80 -12.49 -7.41
C GLY A 25 4.09 -11.23 -6.60
N ALA A 26 3.12 -10.78 -5.81
CA ALA A 26 3.24 -9.50 -5.07
C ALA A 26 3.37 -9.65 -3.54
N VAL A 27 3.38 -10.87 -3.03
CA VAL A 27 3.69 -11.11 -1.63
C VAL A 27 4.26 -12.51 -1.51
N LYS A 28 5.08 -12.71 -0.49
CA LYS A 28 5.59 -14.03 -0.16
C LYS A 28 5.77 -14.17 1.35
N GLY A 29 5.98 -15.40 1.79
CA GLY A 29 6.35 -15.70 3.15
C GLY A 29 7.86 -15.71 3.31
N ASN A 30 8.31 -16.07 4.51
CA ASN A 30 9.74 -16.11 4.79
C ASN A 30 10.33 -17.50 4.58
N ASP A 31 11.62 -17.60 4.86
CA ASP A 31 12.35 -18.85 4.68
C ASP A 31 11.68 -19.98 5.51
N LYS A 32 11.10 -19.63 6.66
CA LYS A 32 10.43 -20.62 7.53
C LYS A 32 9.00 -21.00 7.09
N GLY A 33 8.51 -20.38 6.01
CA GLY A 33 7.16 -20.68 5.50
C GLY A 33 6.06 -19.83 6.12
N MET A 34 6.46 -18.86 6.93
CA MET A 34 5.51 -18.03 7.66
C MET A 34 5.18 -16.76 6.87
N PHE A 35 3.90 -16.40 6.90
CA PHE A 35 3.44 -15.17 6.24
C PHE A 35 3.72 -13.95 7.11
N GLU A 36 3.69 -14.11 8.44
CA GLU A 36 3.88 -13.01 9.40
C GLU A 36 2.84 -11.91 9.16
N PRO A 37 1.55 -12.26 9.31
CA PRO A 37 0.51 -11.30 8.96
C PRO A 37 0.54 -10.05 9.81
N GLY A 38 1.02 -10.15 11.05
CA GLY A 38 0.99 -9.00 11.97
C GLY A 38 2.21 -8.09 11.88
N LYS A 39 3.13 -8.45 10.99
CA LYS A 39 4.37 -7.68 10.82
C LYS A 39 4.11 -6.28 10.26
N GLU A 40 4.66 -5.24 10.91
CA GLU A 40 4.44 -3.87 10.47
C GLU A 40 5.31 -3.60 9.24
N LEU A 41 4.71 -3.18 8.15
CA LEU A 41 5.44 -2.97 6.90
C LEU A 41 6.20 -1.67 6.87
N THR A 42 7.36 -1.68 6.24
CA THR A 42 8.04 -0.45 5.90
C THR A 42 7.50 0.14 4.61
N ARG A 43 7.84 1.40 4.39
CA ARG A 43 7.46 2.13 3.20
C ARG A 43 8.06 1.45 1.95
N ALA A 44 9.28 0.97 2.04
CA ALA A 44 9.89 0.21 0.91
C ALA A 44 9.17 -1.10 0.62
N GLU A 45 8.73 -1.79 1.67
CA GLU A 45 7.99 -3.03 1.48
C GLU A 45 6.64 -2.80 0.81
N ALA A 46 5.97 -1.71 1.21
CA ALA A 46 4.67 -1.34 0.62
C ALA A 46 4.88 -0.95 -0.84
N ALA A 47 5.92 -0.15 -1.11
CA ALA A 47 6.27 0.28 -2.47
C ALA A 47 6.55 -0.95 -3.39
N THR A 48 7.23 -1.94 -2.83
CA THR A 48 7.57 -3.16 -3.56
C THR A 48 6.31 -3.97 -3.90
N MET A 49 5.43 -4.14 -2.94
CA MET A 49 4.16 -4.81 -3.20
C MET A 49 3.43 -4.11 -4.33
N MET A 50 3.40 -2.79 -4.28
CA MET A 50 2.75 -1.99 -5.33
C MET A 50 3.43 -2.20 -6.72
N ALA A 51 4.76 -2.15 -6.78
CA ALA A 51 5.47 -2.36 -8.01
C ALA A 51 5.15 -3.72 -8.63
N GLN A 52 5.06 -4.73 -7.76
CA GLN A 52 4.82 -6.10 -8.22
C GLN A 52 3.38 -6.30 -8.68
N ILE A 53 2.41 -5.81 -7.92
CA ILE A 53 0.99 -6.00 -8.33
C ILE A 53 0.65 -5.23 -9.62
N LEU A 54 1.28 -4.08 -9.83
CA LEU A 54 1.08 -3.27 -11.02
C LEU A 54 1.88 -3.77 -12.22
N ASN A 55 2.72 -4.77 -12.00
CA ASN A 55 3.57 -5.35 -13.03
C ASN A 55 4.45 -4.29 -13.69
N LEU A 56 4.97 -3.36 -12.90
CA LEU A 56 5.86 -2.35 -13.43
C LEU A 56 7.16 -3.03 -13.89
N PRO A 57 7.78 -2.53 -14.96
CA PRO A 57 9.09 -3.03 -15.34
C PRO A 57 10.11 -2.75 -14.25
N ILE A 58 10.79 -3.79 -13.80
CA ILE A 58 11.83 -3.65 -12.79
C ILE A 58 13.18 -3.79 -13.49
N ASP A 59 13.94 -2.70 -13.49
CA ASP A 59 15.28 -2.68 -14.06
C ASP A 59 16.23 -2.60 -12.90
N LYS A 60 17.05 -3.63 -12.75
CA LYS A 60 17.96 -3.76 -11.59
C LYS A 60 18.88 -2.55 -11.43
N ASP A 61 19.20 -1.85 -12.52
CA ASP A 61 20.10 -0.69 -12.46
C ASP A 61 19.40 0.65 -12.26
N ALA A 62 18.07 0.65 -12.30
CA ALA A 62 17.32 1.90 -12.20
C ALA A 62 17.40 2.44 -10.78
N LYS A 63 17.51 3.76 -10.67
CA LYS A 63 17.60 4.42 -9.37
C LYS A 63 16.50 5.43 -9.21
N PRO A 64 15.89 5.51 -8.02
CA PRO A 64 14.94 6.58 -7.79
C PRO A 64 15.74 7.86 -7.56
N SER A 65 15.07 9.02 -7.59
CA SER A 65 15.75 10.28 -7.32
C SER A 65 16.36 10.32 -5.92
N PHE A 66 15.69 9.71 -4.93
CA PHE A 66 15.97 10.00 -3.51
C PHE A 66 17.34 9.52 -3.06
N ALA A 67 18.11 10.43 -2.47
CA ALA A 67 19.41 10.10 -1.91
C ALA A 67 19.28 9.01 -0.85
N ASP A 68 18.14 8.97 -0.16
CA ASP A 68 17.97 8.05 0.94
C ASP A 68 17.54 6.62 0.56
N SER A 69 17.39 6.36 -0.74
CA SER A 69 16.80 5.07 -1.17
C SER A 69 17.67 4.28 -2.13
N GLN A 70 18.98 4.51 -2.03
CA GLN A 70 19.98 3.88 -2.90
C GLN A 70 20.62 2.65 -2.27
N GLY A 71 21.25 1.84 -3.11
CA GLY A 71 22.18 0.83 -2.69
C GLY A 71 21.57 -0.33 -1.96
N GLN A 72 20.29 -0.60 -2.15
CA GLN A 72 19.63 -1.66 -1.39
C GLN A 72 18.61 -2.44 -2.24
N TRP A 73 18.11 -3.54 -1.68
CA TRP A 73 17.21 -4.44 -2.41
C TRP A 73 16.02 -3.67 -2.97
N TYR A 74 15.55 -2.70 -2.20
CA TYR A 74 14.35 -1.93 -2.58
C TYR A 74 14.56 -0.88 -3.69
N THR A 75 15.82 -0.60 -4.01
CA THR A 75 16.13 0.54 -4.87
C THR A 75 15.40 0.49 -6.24
N PRO A 76 15.51 -0.63 -6.95
CA PRO A 76 14.84 -0.63 -8.30
C PRO A 76 13.32 -0.62 -8.21
N PHE A 77 12.76 -1.11 -7.11
CA PHE A 77 11.31 -1.06 -6.90
C PHE A 77 10.81 0.37 -6.65
N ILE A 78 11.55 1.08 -5.80
CA ILE A 78 11.27 2.50 -5.57
C ILE A 78 11.43 3.31 -6.89
N ALA A 79 12.46 3.00 -7.67
CA ALA A 79 12.69 3.58 -9.00
C ALA A 79 11.42 3.40 -9.86
N ALA A 80 10.89 2.18 -9.88
CA ALA A 80 9.72 1.86 -10.71
C ALA A 80 8.47 2.60 -10.28
N VAL A 81 8.19 2.58 -8.98
CA VAL A 81 7.00 3.27 -8.46
C VAL A 81 7.11 4.77 -8.64
N GLU A 82 8.32 5.32 -8.51
CA GLU A 82 8.48 6.76 -8.70
C GLU A 82 8.22 7.12 -10.16
N LYS A 83 8.76 6.33 -11.07
CA LYS A 83 8.59 6.55 -12.51
C LYS A 83 7.10 6.52 -12.89
N ALA A 84 6.37 5.61 -12.26
CA ALA A 84 4.94 5.44 -12.53
C ALA A 84 4.05 6.51 -11.86
N GLY A 85 4.64 7.38 -11.05
CA GLY A 85 3.92 8.41 -10.33
C GLY A 85 3.14 7.94 -9.11
N VAL A 86 3.43 6.74 -8.63
CA VAL A 86 2.73 6.13 -7.52
C VAL A 86 3.16 6.81 -6.22
N ILE A 87 4.43 7.18 -6.23
CA ILE A 87 5.01 8.08 -5.27
C ILE A 87 5.62 9.28 -6.04
N LYS A 88 5.69 10.38 -5.30
CA LYS A 88 6.35 11.59 -5.74
C LYS A 88 7.37 11.88 -4.66
N GLY A 89 8.18 12.91 -4.84
CA GLY A 89 9.02 13.42 -3.77
C GLY A 89 8.49 14.76 -3.31
N THR A 90 8.75 15.07 -2.04
CA THR A 90 8.36 16.33 -1.41
C THR A 90 9.64 16.99 -0.86
N GLY A 91 10.74 16.82 -1.61
CA GLY A 91 12.04 17.41 -1.26
C GLY A 91 12.73 16.80 -0.06
N ASN A 92 12.13 15.75 0.49
CA ASN A 92 12.51 15.22 1.78
C ASN A 92 12.75 13.71 1.77
N GLY A 93 13.15 13.14 0.64
CA GLY A 93 13.46 11.71 0.60
C GLY A 93 12.22 10.83 0.66
N PHE A 94 12.42 9.53 0.74
CA PHE A 94 11.31 8.60 0.75
C PHE A 94 11.21 7.85 2.10
N GLU A 95 12.28 7.85 2.88
CA GLU A 95 12.36 7.14 4.16
C GLU A 95 11.94 5.67 4.00
N PRO A 96 12.69 4.92 3.16
CA PRO A 96 12.27 3.56 2.82
C PRO A 96 12.12 2.63 4.00
N ASN A 97 12.91 2.84 5.05
CA ASN A 97 12.90 1.92 6.17
C ASN A 97 11.99 2.38 7.31
N GLY A 98 11.31 3.52 7.12
CA GLY A 98 10.30 3.96 8.08
C GLY A 98 9.06 3.11 7.92
N LYS A 99 8.28 2.96 8.98
CA LYS A 99 7.03 2.21 8.94
C LYS A 99 5.98 3.00 8.15
N ILE A 100 5.21 2.32 7.34
CA ILE A 100 4.21 2.99 6.55
C ILE A 100 2.92 3.13 7.38
N ASP A 101 2.30 4.29 7.29
CA ASP A 101 1.00 4.49 7.97
C ASP A 101 -0.18 4.43 7.02
N ARG A 102 -1.38 4.40 7.60
CA ARG A 102 -2.58 4.22 6.80
C ARG A 102 -2.76 5.32 5.75
N VAL A 103 -2.50 6.56 6.13
CA VAL A 103 -2.69 7.63 5.16
C VAL A 103 -1.67 7.55 3.99
N SER A 104 -0.46 7.14 4.29
CA SER A 104 0.57 6.94 3.22
C SER A 104 0.19 5.76 2.29
N MET A 105 -0.34 4.69 2.86
CA MET A 105 -0.88 3.58 2.08
C MET A 105 -2.02 4.06 1.16
N ALA A 106 -2.90 4.89 1.70
CA ALA A 106 -4.01 5.45 0.93
C ALA A 106 -3.49 6.24 -0.26
N SER A 107 -2.42 7.01 -0.03
CA SER A 107 -1.80 7.76 -1.11
C SER A 107 -1.26 6.85 -2.21
N LEU A 108 -0.53 5.79 -1.86
CA LEU A 108 -0.03 4.82 -2.83
C LEU A 108 -1.18 4.31 -3.70
N LEU A 109 -2.27 3.90 -3.03
CA LEU A 109 -3.37 3.29 -3.75
C LEU A 109 -4.08 4.27 -4.69
N VAL A 110 -4.33 5.48 -4.20
CA VAL A 110 -5.05 6.49 -4.95
C VAL A 110 -4.24 6.90 -6.19
N GLU A 111 -2.93 7.12 -6.02
CA GLU A 111 -2.05 7.45 -7.15
C GLU A 111 -1.91 6.28 -8.14
N ALA A 112 -1.69 5.08 -7.64
CA ALA A 112 -1.48 3.92 -8.53
C ALA A 112 -2.69 3.63 -9.41
N TYR A 113 -3.89 3.77 -8.87
CA TYR A 113 -5.11 3.36 -9.59
C TYR A 113 -5.99 4.54 -10.03
N LYS A 114 -5.43 5.77 -9.92
CA LYS A 114 -6.10 7.01 -10.26
C LYS A 114 -7.51 7.04 -9.63
N LEU A 115 -7.55 6.73 -8.34
CA LEU A 115 -8.83 6.54 -7.66
C LEU A 115 -9.67 7.80 -7.56
N ASP A 116 -9.06 8.98 -7.66
CA ASP A 116 -9.80 10.25 -7.74
C ASP A 116 -10.76 10.29 -8.95
N THR A 117 -10.43 9.53 -10.02
CA THR A 117 -11.23 9.44 -11.22
C THR A 117 -12.40 8.44 -11.10
N LYS A 118 -12.48 7.76 -9.95
CA LYS A 118 -13.52 6.72 -9.73
C LYS A 118 -14.62 7.17 -8.76
N VAL A 119 -14.59 8.44 -8.35
CA VAL A 119 -15.61 9.02 -7.48
C VAL A 119 -16.22 10.25 -8.17
N ASN A 120 -17.47 10.53 -7.84
CA ASN A 120 -18.22 11.67 -8.37
C ASN A 120 -18.12 12.80 -7.35
N GLY A 121 -17.54 13.91 -7.76
CA GLY A 121 -17.38 15.05 -6.88
C GLY A 121 -16.31 14.82 -5.83
N THR A 122 -16.42 15.56 -4.73
CA THR A 122 -15.46 15.47 -3.64
C THR A 122 -16.09 14.68 -2.50
N PRO A 123 -15.52 13.51 -2.18
CA PRO A 123 -16.04 12.74 -1.06
C PRO A 123 -16.10 13.52 0.26
N ALA A 124 -17.18 13.31 1.00
CA ALA A 124 -17.36 13.84 2.34
C ALA A 124 -16.34 13.29 3.32
N THR A 125 -16.08 14.06 4.39
CA THR A 125 -15.23 13.60 5.48
C THR A 125 -16.11 12.90 6.53
N LYS A 126 -15.83 11.63 6.82
CA LYS A 126 -16.71 10.83 7.68
C LYS A 126 -16.11 10.54 9.06
N PHE A 127 -14.93 11.05 9.33
CA PHE A 127 -14.19 10.75 10.59
C PHE A 127 -13.60 12.02 11.15
N LYS A 128 -13.69 12.17 12.48
CA LYS A 128 -13.21 13.39 13.11
C LYS A 128 -11.72 13.56 13.00
N ASP A 129 -10.99 12.44 12.94
CA ASP A 129 -9.53 12.51 12.80
C ASP A 129 -9.03 12.76 11.38
N LEU A 130 -9.95 12.84 10.42
CA LEU A 130 -9.63 13.29 9.07
C LEU A 130 -10.03 14.75 8.87
N GLU A 131 -10.93 15.27 9.72
CA GLU A 131 -11.52 16.60 9.52
C GLU A 131 -10.46 17.71 9.36
N THR A 132 -9.42 17.66 10.15
CA THR A 132 -8.37 18.70 10.10
C THR A 132 -6.99 18.12 9.81
N LEU A 133 -6.95 16.93 9.25
CA LEU A 133 -5.67 16.31 8.89
C LEU A 133 -4.97 17.17 7.85
N ASN A 134 -3.70 17.44 8.07
CA ASN A 134 -2.95 18.38 7.23
C ASN A 134 -2.43 17.85 5.89
N TRP A 135 -2.18 16.53 5.77
CA TRP A 135 -1.81 15.92 4.49
C TRP A 135 -2.54 14.57 4.33
N GLY A 136 -3.06 14.31 3.14
CA GLY A 136 -3.67 13.00 2.84
C GLY A 136 -5.15 12.87 3.10
N LYS A 137 -5.79 13.94 3.56
CA LYS A 137 -7.21 13.89 3.89
C LYS A 137 -8.05 13.40 2.69
N GLU A 138 -7.82 14.00 1.53
CA GLU A 138 -8.58 13.68 0.32
C GLU A 138 -8.36 12.22 -0.12
N LYS A 139 -7.14 11.74 0.08
CA LYS A 139 -6.80 10.37 -0.23
C LYS A 139 -7.50 9.37 0.70
N ALA A 140 -7.51 9.65 1.99
CA ALA A 140 -8.25 8.82 2.96
C ALA A 140 -9.74 8.83 2.62
N ASN A 141 -10.26 10.02 2.33
CA ASN A 141 -11.70 10.19 2.02
C ASN A 141 -12.11 9.37 0.77
N ILE A 142 -11.23 9.31 -0.22
CA ILE A 142 -11.44 8.43 -1.40
C ILE A 142 -11.49 6.93 -1.08
N LEU A 143 -10.54 6.45 -0.28
CA LEU A 143 -10.58 5.06 0.17
C LEU A 143 -11.90 4.75 0.90
N VAL A 144 -12.39 5.69 1.70
CA VAL A 144 -13.63 5.50 2.43
C VAL A 144 -14.81 5.41 1.45
N GLU A 145 -14.86 6.38 0.54
CA GLU A 145 -15.93 6.46 -0.47
C GLU A 145 -15.99 5.17 -1.31
N LEU A 146 -14.82 4.63 -1.66
CA LEU A 146 -14.72 3.37 -2.43
C LEU A 146 -14.86 2.06 -1.63
N GLY A 147 -15.04 2.17 -0.33
CA GLY A 147 -15.17 1.01 0.56
C GLY A 147 -13.92 0.17 0.67
N ILE A 148 -12.77 0.73 0.34
CA ILE A 148 -11.50 0.04 0.44
C ILE A 148 -11.04 -0.03 1.91
N SER A 149 -11.16 1.08 2.65
CA SER A 149 -11.03 1.04 4.13
C SER A 149 -12.43 0.76 4.70
N VAL A 150 -12.71 -0.08 5.71
CA VAL A 150 -12.05 -0.45 7.03
C VAL A 150 -12.54 0.43 8.22
N GLY A 151 -13.76 0.99 8.13
CA GLY A 151 -14.30 1.90 9.19
C GLY A 151 -14.68 1.18 10.46
N THR A 152 -14.24 1.70 11.62
CA THR A 152 -14.50 0.98 12.90
C THR A 152 -15.08 1.84 14.04
N GLY A 153 -15.53 3.05 13.74
CA GLY A 153 -15.97 3.96 14.80
C GLY A 153 -15.94 5.37 14.28
N ASP A 154 -15.41 6.28 15.08
CA ASP A 154 -15.31 7.68 14.68
C ASP A 154 -13.87 8.08 14.36
N GLN A 155 -12.96 7.11 14.28
CA GLN A 155 -11.56 7.39 13.91
C GLN A 155 -11.06 6.54 12.75
N TRP A 156 -10.50 7.20 11.75
CA TRP A 156 -9.90 6.52 10.61
C TRP A 156 -8.47 6.08 10.92
N GLU A 157 -7.83 6.72 11.89
CA GLU A 157 -6.49 6.37 12.35
C GLU A 157 -5.43 6.54 11.26
N PRO A 158 -5.33 7.75 10.67
CA PRO A 158 -4.42 7.94 9.55
C PRO A 158 -2.94 7.66 9.88
N LYS A 159 -2.53 7.86 11.14
CA LYS A 159 -1.12 7.66 11.52
C LYS A 159 -0.79 6.27 12.03
N LYS A 160 -1.77 5.38 12.08
CA LYS A 160 -1.53 4.03 12.52
C LYS A 160 -0.71 3.24 11.48
N THR A 161 0.21 2.41 11.96
CA THR A 161 1.03 1.58 11.12
C THR A 161 0.17 0.50 10.47
N VAL A 162 0.62 0.02 9.33
CA VAL A 162 -0.10 -0.94 8.53
C VAL A 162 0.64 -2.29 8.61
N THR A 163 -0.10 -3.34 8.93
CA THR A 163 0.48 -4.68 8.99
C THR A 163 0.48 -5.32 7.59
N LYS A 164 1.29 -6.36 7.45
CA LYS A 164 1.42 -7.09 6.21
C LYS A 164 0.07 -7.61 5.69
N ALA A 165 -0.72 -8.23 6.57
CA ALA A 165 -2.02 -8.77 6.15
C ALA A 165 -3.00 -7.65 5.83
N GLU A 166 -2.96 -6.55 6.58
CA GLU A 166 -3.81 -5.39 6.27
C GLU A 166 -3.48 -4.80 4.90
N ALA A 167 -2.19 -4.66 4.62
CA ALA A 167 -1.72 -4.18 3.32
C ALA A 167 -2.17 -5.12 2.22
N ALA A 168 -2.06 -6.43 2.44
CA ALA A 168 -2.52 -7.42 1.47
C ALA A 168 -4.00 -7.21 1.14
N GLN A 169 -4.80 -6.98 2.17
CA GLN A 169 -6.22 -6.70 1.98
C GLN A 169 -6.48 -5.45 1.16
N PHE A 170 -5.82 -4.36 1.52
CA PHE A 170 -6.02 -3.08 0.79
C PHE A 170 -5.65 -3.28 -0.68
N ILE A 171 -4.49 -3.88 -0.90
CA ILE A 171 -3.94 -4.00 -2.25
C ILE A 171 -4.73 -5.01 -3.08
N ALA A 172 -5.06 -6.18 -2.53
CA ALA A 172 -5.81 -7.16 -3.30
C ALA A 172 -7.18 -6.61 -3.72
N LYS A 173 -7.88 -5.97 -2.79
CA LYS A 173 -9.22 -5.44 -3.04
C LYS A 173 -9.15 -4.35 -4.11
N THR A 174 -8.21 -3.44 -3.97
CA THR A 174 -8.10 -2.32 -4.91
C THR A 174 -7.70 -2.83 -6.31
N ASP A 175 -6.71 -3.74 -6.36
CA ASP A 175 -6.23 -4.23 -7.65
C ASP A 175 -7.32 -5.02 -8.38
N LYS A 176 -8.05 -5.86 -7.65
CA LYS A 176 -9.09 -6.66 -8.25
C LYS A 176 -10.19 -5.76 -8.86
N GLN A 177 -10.45 -4.63 -8.21
CA GLN A 177 -11.48 -3.71 -8.66
C GLN A 177 -11.04 -2.80 -9.81
N PHE A 178 -9.82 -2.27 -9.70
CA PHE A 178 -9.35 -1.17 -10.55
C PHE A 178 -8.10 -1.43 -11.36
N GLY A 179 -7.50 -2.61 -11.19
CA GLY A 179 -6.28 -2.96 -11.93
C GLY A 179 -6.58 -3.14 -13.41
N THR A 180 -5.61 -2.76 -14.25
CA THR A 180 -5.81 -2.68 -15.71
C THR A 180 -4.61 -3.25 -16.44
S SO4 B . -10.40 -12.15 2.81
O1 SO4 B . -9.11 -11.68 2.34
O2 SO4 B . -11.43 -11.55 1.95
O3 SO4 B . -10.47 -13.64 2.79
O4 SO4 B . -10.56 -11.81 4.23
#